data_4QMJ
#
_entry.id   4QMJ
#
_cell.length_a   79.125
_cell.length_b   79.125
_cell.length_c   68.499
_cell.angle_alpha   90.00
_cell.angle_beta   90.00
_cell.angle_gamma   90.00
#
_symmetry.space_group_name_H-M   'P 43 21 2'
#
loop_
_entity.id
_entity.type
_entity.pdbx_description
1 polymer 'Cytoskeleton-associated protein 5'
2 water water
#
_entity_poly.entity_id   1
_entity_poly.type   'polypeptide(L)'
_entity_poly.pdbx_seq_one_letter_code
;GSH(MSE)NDVVDLLPRTEISDKITSELVSKIGDKNWKIRKEGLDEVAGIINDAKFIQPNIGELPTALKGRLNDSNKILV
QQTLNILQQLAVA(MSE)GPNIKQHVKNLGIPIITVLGDSKNNVRAAALATVNAWAEQTG(MSE)KEWLEGEDLSEELKK
ENPFLRQELLGWLAEKLPTLRSTPTDLILCVPHLYSCLEDRNGDVRKKAQDALPFF(MSE)(MSE)HLGYEK(MSE)AKA
TGKLKPTSKDQVLA(MSE)LEKAKVN(MSE)P
;
_entity_poly.pdbx_strand_id   A
#
# COMPACT_ATOMS: atom_id res chain seq x y z
N LEU A 11 6.45 -28.61 -6.71
CA LEU A 11 5.85 -28.89 -5.40
C LEU A 11 6.49 -28.16 -4.19
N PRO A 12 7.80 -28.37 -3.91
CA PRO A 12 8.37 -27.96 -2.62
C PRO A 12 8.92 -26.53 -2.58
N ARG A 13 9.12 -26.01 -1.37
CA ARG A 13 9.56 -24.64 -1.15
C ARG A 13 11.04 -24.52 -0.80
N THR A 14 11.77 -23.77 -1.61
CA THR A 14 13.19 -23.55 -1.40
C THR A 14 13.45 -22.27 -0.60
N GLU A 15 14.50 -22.31 0.20
CA GLU A 15 15.08 -21.09 0.75
C GLU A 15 15.96 -20.49 -0.35
N ILE A 16 15.71 -19.23 -0.71
CA ILE A 16 16.46 -18.62 -1.79
C ILE A 16 17.44 -17.58 -1.27
N SER A 17 17.40 -17.32 0.04
CA SER A 17 18.27 -16.32 0.65
C SER A 17 19.75 -16.64 0.47
N ASP A 18 20.07 -17.88 0.14
CA ASP A 18 21.44 -18.25 -0.17
C ASP A 18 21.77 -17.83 -1.62
N LYS A 19 20.75 -17.44 -2.37
CA LYS A 19 20.96 -16.97 -3.73
C LYS A 19 21.02 -15.44 -3.78
N ILE A 20 20.66 -14.79 -2.68
CA ILE A 20 20.70 -13.32 -2.61
C ILE A 20 22.08 -12.87 -2.13
N THR A 21 23.08 -13.02 -3.01
CA THR A 21 24.47 -12.74 -2.65
C THR A 21 24.71 -11.25 -2.36
N SER A 22 25.81 -10.96 -1.68
CA SER A 22 26.18 -9.58 -1.41
C SER A 22 26.59 -8.94 -2.74
N GLU A 23 27.14 -9.77 -3.64
CA GLU A 23 27.42 -9.31 -4.99
C GLU A 23 26.13 -8.82 -5.61
N LEU A 24 25.07 -9.60 -5.45
CA LEU A 24 23.81 -9.33 -6.13
C LEU A 24 23.14 -8.08 -5.61
N VAL A 25 23.10 -7.96 -4.28
CA VAL A 25 22.52 -6.81 -3.62
C VAL A 25 23.10 -5.51 -4.18
N SER A 26 24.43 -5.39 -4.11
CA SER A 26 25.14 -4.19 -4.55
C SER A 26 24.91 -3.91 -6.02
N LYS A 27 24.74 -4.96 -6.81
CA LYS A 27 24.50 -4.83 -8.25
C LYS A 27 23.12 -4.23 -8.54
N ILE A 28 22.19 -4.49 -7.62
CA ILE A 28 20.85 -3.93 -7.71
C ILE A 28 20.92 -2.44 -7.42
N GLY A 29 21.89 -2.03 -6.60
CA GLY A 29 22.02 -0.64 -6.17
C GLY A 29 23.06 0.16 -6.93
N ASP A 30 23.57 -0.44 -8.00
CA ASP A 30 24.58 0.20 -8.84
C ASP A 30 24.10 1.56 -9.34
N LYS A 31 25.03 2.37 -9.83
CA LYS A 31 24.68 3.69 -10.33
C LYS A 31 24.28 3.59 -11.80
N ASN A 32 24.68 2.51 -12.46
CA ASN A 32 24.21 2.30 -13.81
C ASN A 32 22.91 1.53 -13.77
N TRP A 33 21.90 2.04 -14.45
CA TRP A 33 20.58 1.41 -14.45
C TRP A 33 20.59 0.05 -15.15
N LYS A 34 21.39 -0.08 -16.22
CA LYS A 34 21.49 -1.35 -16.95
C LYS A 34 22.10 -2.44 -16.08
N ILE A 35 22.92 -2.03 -15.12
CA ILE A 35 23.53 -2.96 -14.18
C ILE A 35 22.51 -3.30 -13.10
N ARG A 36 21.79 -2.29 -12.61
CA ARG A 36 20.69 -2.53 -11.69
C ARG A 36 19.64 -3.47 -12.31
N LYS A 37 19.35 -3.29 -13.58
CA LYS A 37 18.44 -4.19 -14.28
C LYS A 37 18.95 -5.64 -14.30
N GLU A 38 20.26 -5.82 -14.28
CA GLU A 38 20.80 -7.18 -14.30
C GLU A 38 20.47 -7.88 -13.00
N GLY A 39 20.52 -7.12 -11.91
CA GLY A 39 20.29 -7.67 -10.59
C GLY A 39 18.85 -8.12 -10.46
N LEU A 40 17.94 -7.29 -10.97
CA LEU A 40 16.52 -7.57 -10.93
C LEU A 40 16.17 -8.76 -11.84
N ASP A 41 16.81 -8.85 -13.00
CA ASP A 41 16.58 -9.98 -13.89
C ASP A 41 16.90 -11.30 -13.21
N GLU A 42 18.04 -11.35 -12.51
CA GLU A 42 18.44 -12.56 -11.82
C GLU A 42 17.44 -12.93 -10.75
N VAL A 43 17.05 -11.95 -9.93
CA VAL A 43 16.08 -12.16 -8.89
C VAL A 43 14.77 -12.72 -9.45
N ALA A 44 14.31 -12.13 -10.53
CA ALA A 44 13.08 -12.58 -11.18
C ALA A 44 13.21 -14.04 -11.63
N GLY A 45 14.41 -14.38 -12.09
CA GLY A 45 14.69 -15.72 -12.58
C GLY A 45 14.83 -16.69 -11.43
N ILE A 46 15.42 -16.23 -10.33
CA ILE A 46 15.60 -17.05 -9.15
C ILE A 46 14.25 -17.47 -8.61
N ILE A 47 13.32 -16.54 -8.59
CA ILE A 47 12.00 -16.82 -8.05
C ILE A 47 11.22 -17.72 -9.00
N ASN A 48 11.27 -17.39 -10.28
CA ASN A 48 10.58 -18.20 -11.27
C ASN A 48 11.09 -19.64 -11.29
N ASP A 49 12.40 -19.81 -11.18
CA ASP A 49 13.01 -21.13 -11.21
C ASP A 49 12.73 -21.90 -9.91
N ALA A 50 12.39 -21.17 -8.86
CA ALA A 50 12.09 -21.77 -7.58
C ALA A 50 10.65 -22.24 -7.58
N LYS A 51 9.78 -21.42 -8.16
CA LYS A 51 8.32 -21.63 -8.20
C LYS A 51 7.66 -21.34 -6.85
N PHE A 52 8.08 -22.02 -5.80
CA PHE A 52 7.58 -21.75 -4.46
C PHE A 52 8.72 -21.61 -3.49
N ILE A 53 8.69 -20.56 -2.68
CA ILE A 53 9.78 -20.22 -1.76
C ILE A 53 9.36 -20.10 -0.29
N GLN A 54 10.38 -20.17 0.55
CA GLN A 54 10.28 -19.89 1.98
C GLN A 54 10.10 -18.39 2.20
N PRO A 55 9.62 -18.01 3.39
CA PRO A 55 9.44 -16.58 3.67
C PRO A 55 10.73 -15.82 3.96
N ASN A 56 11.88 -16.50 3.98
CA ASN A 56 13.13 -15.79 4.21
C ASN A 56 13.91 -15.52 2.94
N ILE A 57 14.08 -14.24 2.66
CA ILE A 57 14.67 -13.82 1.38
C ILE A 57 15.94 -12.98 1.57
N GLY A 58 16.46 -12.98 2.79
CA GLY A 58 17.73 -12.31 3.09
C GLY A 58 17.67 -10.80 3.04
N GLU A 59 18.59 -10.20 2.26
CA GLU A 59 18.65 -8.75 2.13
C GLU A 59 17.83 -8.21 0.96
N LEU A 60 17.23 -9.10 0.18
CA LEU A 60 16.37 -8.71 -0.96
C LEU A 60 15.29 -7.65 -0.66
N PRO A 61 14.64 -7.73 0.51
CA PRO A 61 13.70 -6.62 0.80
C PRO A 61 14.37 -5.26 0.78
N THR A 62 15.51 -5.15 1.44
CA THR A 62 16.27 -3.92 1.48
C THR A 62 16.62 -3.48 0.06
N ALA A 63 17.01 -4.42 -0.77
CA ALA A 63 17.36 -4.12 -2.16
C ALA A 63 16.16 -3.60 -2.95
N LEU A 64 15.05 -4.32 -2.88
CA LEU A 64 13.83 -3.96 -3.63
C LEU A 64 13.22 -2.63 -3.16
N LYS A 65 13.31 -2.35 -1.86
CA LYS A 65 12.81 -1.10 -1.29
C LYS A 65 13.39 0.11 -2.02
N GLY A 66 14.66 0.01 -2.38
CA GLY A 66 15.39 1.11 -3.01
C GLY A 66 14.96 1.37 -4.44
N ARG A 67 14.71 0.30 -5.17
CA ARG A 67 14.32 0.38 -6.58
C ARG A 67 12.85 0.76 -6.79
N LEU A 68 12.05 0.72 -5.72
CA LEU A 68 10.68 1.21 -5.79
C LEU A 68 10.68 2.72 -6.04
N ASN A 69 11.83 3.37 -5.90
CA ASN A 69 11.95 4.80 -6.12
C ASN A 69 13.06 5.11 -7.12
N ASP A 70 13.30 4.15 -8.00
CA ASP A 70 14.35 4.24 -9.00
C ASP A 70 14.11 5.44 -9.90
N SER A 71 15.19 5.90 -10.55
CA SER A 71 15.11 7.07 -11.40
C SER A 71 14.67 6.67 -12.80
N ASN A 72 14.75 5.38 -13.08
CA ASN A 72 14.29 4.81 -14.35
C ASN A 72 12.98 4.08 -14.11
N LYS A 73 11.90 4.55 -14.72
CA LYS A 73 10.59 4.03 -14.28
C LYS A 73 10.31 2.62 -14.74
N ILE A 74 11.10 2.10 -15.69
CA ILE A 74 10.94 0.69 -16.06
C ILE A 74 11.60 -0.25 -15.05
N LEU A 75 12.33 0.29 -14.10
CA LEU A 75 12.89 -0.52 -13.03
C LEU A 75 11.96 -0.50 -11.81
N VAL A 76 11.22 0.60 -11.65
CA VAL A 76 10.14 0.58 -10.66
C VAL A 76 9.17 -0.50 -11.09
N GLN A 77 8.85 -0.48 -12.38
CA GLN A 77 7.90 -1.44 -12.91
C GLN A 77 8.36 -2.90 -12.82
N GLN A 78 9.65 -3.15 -13.05
CA GLN A 78 10.10 -4.53 -12.97
C GLN A 78 10.15 -4.96 -11.51
N THR A 79 10.40 -4.00 -10.63
CA THR A 79 10.42 -4.28 -9.21
C THR A 79 9.02 -4.62 -8.70
N LEU A 80 8.02 -3.95 -9.24
CA LEU A 80 6.64 -4.23 -8.87
C LEU A 80 6.25 -5.62 -9.36
N ASN A 81 6.68 -5.96 -10.58
CA ASN A 81 6.37 -7.27 -11.12
C ASN A 81 7.03 -8.38 -10.29
N ILE A 82 8.21 -8.08 -9.78
CA ILE A 82 8.93 -8.99 -8.91
C ILE A 82 8.24 -9.06 -7.54
N LEU A 83 7.72 -7.94 -7.05
CA LEU A 83 6.92 -8.00 -5.83
C LEU A 83 5.63 -8.81 -6.03
N GLN A 84 4.99 -8.67 -7.19
CA GLN A 84 3.84 -9.50 -7.52
C GLN A 84 4.24 -10.99 -7.54
N GLN A 85 5.32 -11.34 -8.22
CA GLN A 85 5.66 -12.76 -8.29
C GLN A 85 6.15 -13.32 -6.97
N LEU A 86 6.65 -12.44 -6.10
CA LEU A 86 7.02 -12.81 -4.75
C LEU A 86 5.79 -13.22 -3.95
N ALA A 87 4.72 -12.45 -4.11
CA ALA A 87 3.48 -12.70 -3.40
C ALA A 87 2.94 -14.07 -3.73
N VAL A 88 3.03 -14.43 -5.00
CA VAL A 88 2.52 -15.71 -5.49
C VAL A 88 3.45 -16.85 -5.09
N ALA A 89 4.75 -16.61 -5.12
CA ALA A 89 5.72 -17.64 -4.84
C ALA A 89 5.80 -17.93 -3.35
N MSE A 90 5.49 -16.92 -2.54
CA MSE A 90 5.64 -17.09 -1.11
C MSE A 90 4.34 -17.49 -0.42
O MSE A 90 4.34 -18.29 0.53
CB MSE A 90 6.20 -15.83 -0.50
CG MSE A 90 6.70 -16.02 0.89
SE MSE A 90 7.33 -14.34 1.59
CE MSE A 90 8.62 -13.88 0.19
N GLY A 91 3.22 -16.95 -0.91
CA GLY A 91 1.93 -17.24 -0.34
C GLY A 91 1.70 -16.29 0.82
N PRO A 92 0.84 -16.70 1.77
CA PRO A 92 0.43 -15.87 2.90
C PRO A 92 1.58 -15.47 3.82
N ASN A 93 2.62 -16.29 3.84
CA ASN A 93 3.82 -15.98 4.62
C ASN A 93 4.36 -14.57 4.36
N ILE A 94 4.03 -14.03 3.19
CA ILE A 94 4.48 -12.71 2.81
C ILE A 94 3.89 -11.61 3.69
N LYS A 95 2.94 -12.00 4.54
CA LYS A 95 2.40 -11.02 5.49
C LYS A 95 3.52 -10.54 6.40
N GLN A 96 4.58 -11.33 6.48
CA GLN A 96 5.78 -10.93 7.20
C GLN A 96 6.51 -9.75 6.58
N HIS A 97 6.40 -9.57 5.27
CA HIS A 97 7.10 -8.45 4.62
C HIS A 97 6.23 -7.23 4.37
N VAL A 98 5.00 -7.23 4.88
CA VAL A 98 4.10 -6.12 4.63
C VAL A 98 4.58 -4.78 5.17
N LYS A 99 4.98 -4.73 6.44
CA LYS A 99 5.35 -3.47 7.06
C LYS A 99 6.64 -2.89 6.47
N ASN A 100 7.63 -3.74 6.22
CA ASN A 100 8.92 -3.27 5.75
C ASN A 100 9.02 -3.18 4.21
N LEU A 101 8.29 -4.02 3.49
CA LEU A 101 8.36 -4.00 2.03
C LEU A 101 7.05 -3.60 1.38
N GLY A 102 5.94 -4.10 1.91
CA GLY A 102 4.62 -3.83 1.37
C GLY A 102 4.18 -2.39 1.47
N ILE A 103 4.49 -1.75 2.60
CA ILE A 103 4.12 -0.34 2.77
C ILE A 103 4.85 0.60 1.80
N PRO A 104 6.14 0.35 1.52
CA PRO A 104 6.77 1.08 0.41
C PRO A 104 6.08 0.93 -0.94
N ILE A 105 5.33 -0.12 -1.18
CA ILE A 105 4.59 -0.22 -2.43
C ILE A 105 3.52 0.86 -2.47
N ILE A 106 2.87 1.07 -1.32
CA ILE A 106 1.80 2.04 -1.19
C ILE A 106 2.29 3.43 -1.59
N THR A 107 3.56 3.70 -1.29
CA THR A 107 4.11 5.00 -1.57
C THR A 107 4.16 5.23 -3.07
N VAL A 108 4.43 4.16 -3.81
CA VAL A 108 4.44 4.21 -5.27
C VAL A 108 3.09 4.67 -5.84
N LEU A 109 2.02 4.60 -5.06
CA LEU A 109 0.76 5.18 -5.51
C LEU A 109 0.82 6.69 -5.70
N GLY A 110 1.86 7.34 -5.16
CA GLY A 110 2.03 8.77 -5.33
C GLY A 110 2.78 9.16 -6.60
N ASP A 111 3.02 8.19 -7.49
CA ASP A 111 3.72 8.51 -8.72
C ASP A 111 2.79 9.29 -9.66
N SER A 112 3.32 10.27 -10.39
CA SER A 112 2.46 11.08 -11.27
C SER A 112 2.00 10.37 -12.54
N LYS A 113 2.66 9.29 -12.93
CA LYS A 113 2.25 8.53 -14.11
C LYS A 113 1.19 7.50 -13.78
N ASN A 114 0.01 7.59 -14.40
CA ASN A 114 -1.05 6.61 -14.14
C ASN A 114 -0.62 5.15 -14.26
N ASN A 115 0.21 4.84 -15.26
CA ASN A 115 0.56 3.44 -15.49
C ASN A 115 1.44 2.91 -14.37
N VAL A 116 2.25 3.78 -13.80
CA VAL A 116 3.01 3.42 -12.60
C VAL A 116 2.09 3.26 -11.38
N ARG A 117 1.21 4.22 -11.15
CA ARG A 117 0.22 4.10 -10.08
C ARG A 117 -0.64 2.86 -10.25
N ALA A 118 -1.08 2.60 -11.48
CA ALA A 118 -1.85 1.39 -11.75
C ALA A 118 -1.06 0.14 -11.37
N ALA A 119 0.24 0.13 -11.65
CA ALA A 119 1.04 -1.06 -11.36
C ALA A 119 1.25 -1.25 -9.87
N ALA A 120 1.36 -0.14 -9.14
CA ALA A 120 1.49 -0.21 -7.68
C ALA A 120 0.25 -0.87 -7.10
N LEU A 121 -0.91 -0.33 -7.45
CA LEU A 121 -2.19 -0.83 -6.99
C LEU A 121 -2.32 -2.32 -7.28
N ALA A 122 -1.97 -2.73 -8.49
CA ALA A 122 -2.06 -4.15 -8.84
C ALA A 122 -1.12 -5.03 -8.00
N THR A 123 -0.06 -4.43 -7.48
CA THR A 123 0.92 -5.16 -6.69
C THR A 123 0.37 -5.33 -5.28
N VAL A 124 -0.06 -4.22 -4.69
CA VAL A 124 -0.74 -4.20 -3.41
C VAL A 124 -1.94 -5.14 -3.35
N ASN A 125 -2.75 -5.13 -4.39
CA ASN A 125 -3.85 -6.09 -4.50
C ASN A 125 -3.37 -7.54 -4.55
N ALA A 126 -2.29 -7.78 -5.31
CA ALA A 126 -1.73 -9.13 -5.42
C ALA A 126 -1.24 -9.65 -4.07
N TRP A 127 -0.72 -8.76 -3.24
CA TRP A 127 -0.33 -9.10 -1.88
C TRP A 127 -1.56 -9.32 -0.99
N ALA A 128 -2.51 -8.40 -1.05
CA ALA A 128 -3.75 -8.50 -0.29
C ALA A 128 -4.44 -9.86 -0.48
N GLU A 129 -4.34 -10.42 -1.68
CA GLU A 129 -4.89 -11.75 -1.92
C GLU A 129 -4.28 -12.82 -1.01
N GLN A 130 -2.99 -12.72 -0.72
CA GLN A 130 -2.35 -13.73 0.12
C GLN A 130 -2.38 -13.38 1.61
N THR A 131 -2.36 -12.07 1.92
CA THR A 131 -2.27 -11.61 3.30
C THR A 131 -3.65 -11.29 3.92
N GLY A 132 -4.59 -10.87 3.08
CA GLY A 132 -5.84 -10.37 3.58
C GLY A 132 -5.60 -8.96 4.05
N MSE A 133 -6.67 -8.21 4.33
CA MSE A 133 -6.53 -6.79 4.61
C MSE A 133 -6.05 -6.40 6.01
O MSE A 133 -5.58 -5.27 6.20
CB MSE A 133 -7.83 -6.06 4.30
CG MSE A 133 -8.06 -5.88 2.82
SE MSE A 133 -6.63 -4.80 2.09
CE MSE A 133 -7.08 -3.10 2.94
N LYS A 134 -6.14 -7.31 6.97
CA LYS A 134 -5.87 -6.96 8.37
C LYS A 134 -4.45 -6.50 8.61
N GLU A 135 -3.48 -7.15 7.98
CA GLU A 135 -2.09 -6.80 8.22
C GLU A 135 -1.79 -5.38 7.72
N TRP A 136 -2.50 -4.97 6.67
CA TRP A 136 -2.34 -3.64 6.12
C TRP A 136 -2.93 -2.55 7.01
N LEU A 137 -4.04 -2.84 7.67
CA LEU A 137 -4.72 -1.81 8.47
C LEU A 137 -4.13 -1.64 9.88
N GLU A 138 -3.35 -2.62 10.32
CA GLU A 138 -2.80 -2.66 11.67
C GLU A 138 -1.57 -1.78 11.85
N GLY A 139 -1.60 -0.91 12.84
CA GLY A 139 -0.50 0.01 13.07
C GLY A 139 -0.75 1.32 12.36
N GLU A 140 0.07 2.32 12.68
CA GLU A 140 -0.12 3.64 12.10
C GLU A 140 0.45 3.73 10.69
N ASP A 141 1.07 2.65 10.23
CA ASP A 141 1.80 2.67 8.96
C ASP A 141 1.03 3.18 7.74
N LEU A 142 -0.17 2.65 7.52
CA LEU A 142 -1.02 3.12 6.42
C LEU A 142 -1.44 4.58 6.62
N SER A 143 -1.91 4.90 7.82
CA SER A 143 -2.36 6.25 8.12
C SER A 143 -1.25 7.25 7.82
N GLU A 144 -0.03 6.83 8.15
CA GLU A 144 1.16 7.63 7.90
C GLU A 144 1.28 7.94 6.42
N GLU A 145 0.96 6.96 5.58
CA GLU A 145 1.02 7.17 4.14
C GLU A 145 -0.08 8.11 3.66
N LEU A 146 -1.30 7.88 4.13
CA LEU A 146 -2.46 8.70 3.74
C LEU A 146 -2.26 10.13 4.16
N LYS A 147 -1.54 10.33 5.26
CA LYS A 147 -1.28 11.65 5.80
C LYS A 147 -0.53 12.52 4.79
N LYS A 148 0.31 11.90 3.97
CA LYS A 148 1.16 12.63 3.02
C LYS A 148 0.38 13.47 2.02
N GLU A 149 0.76 14.74 1.90
CA GLU A 149 0.09 15.68 1.02
C GLU A 149 0.40 15.50 -0.46
N ASN A 150 0.30 14.24 -0.88
CA ASN A 150 0.36 13.85 -2.27
C ASN A 150 -1.07 13.43 -2.69
N PRO A 151 -1.65 14.17 -3.65
CA PRO A 151 -3.00 13.92 -4.17
C PRO A 151 -3.11 12.66 -5.04
N PHE A 152 -2.01 12.18 -5.60
CA PHE A 152 -2.08 10.91 -6.31
C PHE A 152 -2.19 9.79 -5.31
N LEU A 153 -1.35 9.86 -4.29
CA LEU A 153 -1.32 8.82 -3.26
C LEU A 153 -2.64 8.79 -2.47
N ARG A 154 -3.18 9.96 -2.10
CA ARG A 154 -4.47 10.01 -1.41
C ARG A 154 -5.66 9.44 -2.22
N GLN A 155 -5.79 9.89 -3.47
CA GLN A 155 -6.75 9.36 -4.43
C GLN A 155 -6.78 7.85 -4.47
N GLU A 156 -5.61 7.28 -4.71
CA GLU A 156 -5.50 5.88 -4.98
C GLU A 156 -5.74 5.08 -3.70
N LEU A 157 -5.24 5.62 -2.60
CA LEU A 157 -5.31 4.91 -1.33
C LEU A 157 -6.76 4.89 -0.82
N LEU A 158 -7.43 6.03 -0.89
CA LEU A 158 -8.80 6.15 -0.47
C LEU A 158 -9.69 5.29 -1.35
N GLY A 159 -9.34 5.23 -2.62
CA GLY A 159 -10.14 4.51 -3.57
C GLY A 159 -9.90 3.05 -3.34
N TRP A 160 -8.69 2.74 -2.88
CA TRP A 160 -8.35 1.37 -2.51
C TRP A 160 -9.14 0.91 -1.28
N LEU A 161 -9.23 1.77 -0.27
CA LEU A 161 -9.99 1.46 0.93
C LEU A 161 -11.49 1.38 0.69
N ALA A 162 -12.02 2.22 -0.20
CA ALA A 162 -13.42 2.12 -0.58
C ALA A 162 -13.72 0.74 -1.15
N GLU A 163 -12.72 0.16 -1.82
CA GLU A 163 -12.90 -1.10 -2.50
C GLU A 163 -12.71 -2.28 -1.54
N LYS A 164 -11.75 -2.18 -0.63
CA LYS A 164 -11.39 -3.31 0.23
C LYS A 164 -12.20 -3.43 1.52
N LEU A 165 -12.55 -2.31 2.12
CA LEU A 165 -13.26 -2.31 3.41
C LEU A 165 -14.58 -3.11 3.45
N PRO A 166 -15.42 -3.04 2.39
CA PRO A 166 -16.66 -3.82 2.48
C PRO A 166 -16.43 -5.33 2.42
N THR A 167 -15.18 -5.76 2.49
CA THR A 167 -14.85 -7.19 2.46
C THR A 167 -14.14 -7.52 3.77
N LEU A 168 -14.63 -6.93 4.85
CA LEU A 168 -13.97 -7.05 6.16
C LEU A 168 -14.98 -7.15 7.31
N ARG A 169 -14.76 -8.11 8.20
CA ARG A 169 -15.61 -8.27 9.38
C ARG A 169 -14.74 -8.37 10.65
N SER A 170 -13.58 -7.75 10.62
CA SER A 170 -12.63 -7.83 11.74
C SER A 170 -11.64 -6.66 11.70
N THR A 171 -12.17 -5.46 11.49
CA THR A 171 -11.31 -4.27 11.43
C THR A 171 -10.61 -4.01 12.76
N PRO A 172 -9.29 -3.79 12.70
CA PRO A 172 -8.50 -3.54 13.91
C PRO A 172 -8.81 -2.17 14.49
N THR A 173 -8.61 -2.03 15.80
CA THR A 173 -8.77 -0.75 16.49
C THR A 173 -8.07 0.36 15.69
N ASP A 174 -6.95 0.02 15.10
CA ASP A 174 -6.11 0.96 14.41
C ASP A 174 -6.67 1.62 13.13
N LEU A 175 -7.82 1.16 12.64
CA LEU A 175 -8.48 1.82 11.51
C LEU A 175 -8.82 3.29 11.83
N ILE A 176 -9.16 3.56 13.09
CA ILE A 176 -9.49 4.91 13.53
C ILE A 176 -8.35 5.87 13.18
N LEU A 177 -7.13 5.37 13.13
CA LEU A 177 -5.98 6.20 12.84
C LEU A 177 -6.01 6.92 11.50
N CYS A 178 -6.77 6.41 10.54
CA CYS A 178 -6.81 7.01 9.20
C CYS A 178 -7.76 8.20 9.16
N VAL A 179 -8.76 8.20 10.03
CA VAL A 179 -9.82 9.23 10.03
C VAL A 179 -9.37 10.71 10.07
N PRO A 180 -8.37 11.07 10.91
CA PRO A 180 -7.94 12.46 10.85
C PRO A 180 -7.49 12.88 9.44
N HIS A 181 -6.76 12.00 8.78
CA HIS A 181 -6.27 12.25 7.42
C HIS A 181 -7.37 12.11 6.39
N LEU A 182 -8.28 11.16 6.65
CA LEU A 182 -9.48 11.04 5.83
C LEU A 182 -10.21 12.36 5.84
N TYR A 183 -10.22 13.01 7.00
CA TYR A 183 -10.88 14.30 7.11
C TYR A 183 -10.12 15.42 6.39
N SER A 184 -8.80 15.36 6.40
CA SER A 184 -8.03 16.28 5.58
C SER A 184 -8.52 16.19 4.13
N CYS A 185 -8.66 14.97 3.62
CA CYS A 185 -8.90 14.76 2.20
C CYS A 185 -10.25 15.28 1.72
N LEU A 186 -11.20 15.41 2.63
CA LEU A 186 -12.51 15.94 2.27
C LEU A 186 -12.41 17.42 1.95
N GLU A 187 -11.30 18.01 2.37
CA GLU A 187 -11.02 19.40 2.05
C GLU A 187 -9.72 19.55 1.26
N ASP A 188 -9.27 18.47 0.63
CA ASP A 188 -8.05 18.49 -0.16
C ASP A 188 -8.18 19.49 -1.29
N ARG A 189 -7.04 19.99 -1.74
CA ARG A 189 -6.98 20.92 -2.85
C ARG A 189 -7.59 20.27 -4.07
N ASN A 190 -7.13 19.04 -4.31
CA ASN A 190 -7.54 18.22 -5.43
C ASN A 190 -8.98 17.67 -5.29
N GLY A 191 -9.79 17.89 -6.33
CA GLY A 191 -11.16 17.40 -6.35
C GLY A 191 -11.30 15.88 -6.37
N ASP A 192 -10.41 15.21 -7.10
CA ASP A 192 -10.43 13.76 -7.16
C ASP A 192 -10.21 13.19 -5.77
N VAL A 193 -9.38 13.85 -4.99
CA VAL A 193 -9.12 13.40 -3.63
C VAL A 193 -10.35 13.60 -2.75
N ARG A 194 -10.97 14.77 -2.87
CA ARG A 194 -12.19 15.06 -2.16
C ARG A 194 -13.28 14.03 -2.54
N LYS A 195 -13.32 13.67 -3.81
CA LYS A 195 -14.30 12.70 -4.27
C LYS A 195 -14.10 11.29 -3.72
N LYS A 196 -12.86 10.80 -3.69
CA LYS A 196 -12.59 9.48 -3.12
C LYS A 196 -12.67 9.47 -1.58
N ALA A 197 -12.38 10.59 -0.94
CA ALA A 197 -12.60 10.70 0.51
C ALA A 197 -14.10 10.60 0.80
N GLN A 198 -14.91 11.15 -0.08
CA GLN A 198 -16.35 11.05 0.12
C GLN A 198 -16.81 9.62 -0.06
N ASP A 199 -16.34 8.98 -1.13
CA ASP A 199 -16.68 7.60 -1.43
C ASP A 199 -16.29 6.62 -0.31
N ALA A 200 -15.24 6.92 0.44
CA ALA A 200 -14.79 6.05 1.53
C ALA A 200 -15.51 6.32 2.84
N LEU A 201 -16.29 7.39 2.90
CA LEU A 201 -17.00 7.76 4.12
C LEU A 201 -17.92 6.66 4.67
N PRO A 202 -18.85 6.14 3.83
CA PRO A 202 -19.73 5.08 4.34
C PRO A 202 -18.96 3.91 4.93
N PHE A 203 -17.95 3.44 4.18
CA PHE A 203 -17.26 2.20 4.50
C PHE A 203 -16.43 2.30 5.78
N PHE A 204 -16.02 3.52 6.13
CA PHE A 204 -15.36 3.75 7.40
C PHE A 204 -16.36 3.64 8.56
N MSE A 205 -17.56 4.17 8.33
CA MSE A 205 -18.57 4.24 9.38
C MSE A 205 -19.10 2.88 9.73
O MSE A 205 -19.32 2.56 10.90
CB MSE A 205 -19.72 5.12 8.96
CG MSE A 205 -20.52 5.62 10.14
SE MSE A 205 -21.64 7.05 9.53
CE MSE A 205 -22.55 6.02 8.15
N MSE A 206 -19.35 2.10 8.67
CA MSE A 206 -19.77 0.71 8.78
C MSE A 206 -19.00 -0.03 9.87
O MSE A 206 -19.58 -0.82 10.61
CB MSE A 206 -19.53 0.03 7.44
CG MSE A 206 -20.64 -0.87 6.97
SE MSE A 206 -20.16 -1.68 5.25
CE MSE A 206 -18.80 -2.95 5.88
N HIS A 207 -17.70 0.26 9.98
CA HIS A 207 -16.84 -0.39 10.95
C HIS A 207 -16.61 0.40 12.23
N LEU A 208 -16.37 1.71 12.10
CA LEU A 208 -16.02 2.53 13.25
C LEU A 208 -17.25 3.01 14.03
N GLY A 209 -18.39 3.08 13.36
CA GLY A 209 -19.61 3.56 13.97
C GLY A 209 -19.69 5.07 13.89
N TYR A 210 -20.90 5.62 13.96
CA TYR A 210 -21.05 7.07 13.85
C TYR A 210 -20.43 7.86 15.01
N GLU A 211 -20.43 7.27 16.20
CA GLU A 211 -20.01 7.98 17.41
C GLU A 211 -18.52 8.30 17.45
N LYS A 212 -17.69 7.37 16.99
CA LYS A 212 -16.26 7.59 16.85
C LYS A 212 -15.98 8.60 15.73
N MSE A 213 -16.75 8.51 14.64
CA MSE A 213 -16.54 9.39 13.50
C MSE A 213 -16.84 10.84 13.85
O MSE A 213 -16.00 11.72 13.65
CB MSE A 213 -17.39 8.96 12.32
CG MSE A 213 -17.17 7.54 11.90
SE MSE A 213 -15.92 7.25 10.43
CE MSE A 213 -17.16 7.50 8.94
N ALA A 214 -18.03 11.09 14.39
CA ALA A 214 -18.46 12.44 14.72
C ALA A 214 -17.56 13.08 15.77
N LYS A 215 -17.11 12.27 16.72
CA LYS A 215 -16.27 12.77 17.80
C LYS A 215 -14.93 13.21 17.24
N ALA A 216 -14.40 12.39 16.34
CA ALA A 216 -13.15 12.68 15.64
C ALA A 216 -13.17 14.00 14.85
N THR A 217 -14.36 14.53 14.59
CA THR A 217 -14.48 15.83 13.93
C THR A 217 -14.22 16.95 14.92
N GLY A 218 -14.21 16.60 16.20
CA GLY A 218 -13.96 17.57 17.26
C GLY A 218 -12.56 18.14 17.23
N LYS A 219 -11.63 17.38 16.65
CA LYS A 219 -10.22 17.79 16.55
C LYS A 219 -10.01 18.64 15.31
N LEU A 220 -11.10 19.12 14.72
CA LEU A 220 -11.05 19.98 13.54
C LEU A 220 -11.33 21.43 13.87
N LYS A 221 -10.96 22.33 12.95
CA LYS A 221 -11.36 23.73 13.03
C LYS A 221 -12.87 23.79 12.96
N PRO A 222 -13.47 24.80 13.61
CA PRO A 222 -14.93 24.95 13.66
C PRO A 222 -15.61 24.83 12.30
N THR A 223 -15.00 25.42 11.27
CA THR A 223 -15.57 25.46 9.92
C THR A 223 -15.58 24.07 9.25
N SER A 224 -14.48 23.36 9.42
CA SER A 224 -14.29 22.02 8.88
C SER A 224 -15.18 21.03 9.62
N LYS A 225 -15.06 21.04 10.94
CA LYS A 225 -15.89 20.22 11.82
C LYS A 225 -17.35 20.41 11.48
N ASP A 226 -17.71 21.64 11.14
CA ASP A 226 -19.06 21.98 10.75
C ASP A 226 -19.54 21.18 9.54
N GLN A 227 -18.81 21.27 8.45
CA GLN A 227 -19.26 20.70 7.18
C GLN A 227 -19.01 19.20 7.12
N VAL A 228 -17.93 18.75 7.76
CA VAL A 228 -17.63 17.33 7.81
C VAL A 228 -18.80 16.56 8.39
N LEU A 229 -19.33 17.05 9.50
CA LEU A 229 -20.48 16.43 10.14
C LEU A 229 -21.70 16.41 9.21
N ALA A 230 -21.79 17.39 8.32
CA ALA A 230 -22.92 17.47 7.40
C ALA A 230 -22.99 16.26 6.48
N MSE A 231 -21.88 15.97 5.81
CA MSE A 231 -21.86 14.84 4.88
C MSE A 231 -21.59 13.55 5.64
O MSE A 231 -21.73 12.46 5.11
CB MSE A 231 -20.82 15.07 3.78
CG MSE A 231 -19.42 15.38 4.30
SE MSE A 231 -18.10 15.68 2.89
CE MSE A 231 -18.18 17.63 2.77
N LEU A 232 -21.19 13.69 6.91
CA LEU A 232 -21.08 12.56 7.80
C LEU A 232 -22.49 12.11 8.16
N GLU A 233 -23.43 13.06 8.09
CA GLU A 233 -24.82 12.76 8.36
C GLU A 233 -25.52 12.22 7.12
N LYS A 234 -25.03 12.63 5.95
CA LYS A 234 -25.52 12.05 4.71
C LYS A 234 -25.07 10.60 4.63
N ALA A 235 -24.03 10.27 5.39
CA ALA A 235 -23.52 8.92 5.44
C ALA A 235 -24.44 8.00 6.25
N LYS A 236 -25.06 8.55 7.30
CA LYS A 236 -25.97 7.76 8.14
C LYS A 236 -27.16 7.23 7.34
N VAL A 237 -27.26 7.64 6.07
CA VAL A 237 -28.26 7.06 5.16
C VAL A 237 -27.92 5.59 4.88
N ASN A 238 -26.63 5.26 4.86
CA ASN A 238 -26.17 3.90 4.61
C ASN A 238 -25.21 3.39 5.68
N MSE A 239 -25.75 2.62 6.64
CA MSE A 239 -24.98 2.08 7.76
C MSE A 239 -24.36 3.19 8.63
O MSE A 239 -24.91 3.52 9.68
CB MSE A 239 -23.88 1.12 7.28
CG MSE A 239 -24.17 -0.35 7.55
SE MSE A 239 -25.68 -1.08 6.54
CE MSE A 239 -24.89 -1.10 4.74
#